data_1C5M
#
_entry.id   1C5M
#
_cell.length_a   81.820
_cell.length_b   81.820
_cell.length_c   108.790
_cell.angle_alpha   90.00
_cell.angle_beta   90.00
_cell.angle_gamma   120.00
#
_symmetry.space_group_name_H-M   'P 31 2 1'
#
loop_
_entity.id
_entity.type
_entity.pdbx_description
1 polymer 'PROTEIN (COAGULATION FACTOR X)'
2 polymer 'PROTEIN (COAGULATION FACTOR X)'
3 water water
#
loop_
_entity_poly.entity_id
_entity_poly.type
_entity_poly.pdbx_seq_one_letter_code
_entity_poly.pdbx_strand_id
1 'polypeptide(L)'
;IVGGQECKDGECPWQALLINEENEGFCGGTILSEFYILTAAHCLYQAKRFKVRVGDRNTEQEEGGEAVHEVEVVIKHNRF
TKETYDFDIAVLRLKTPITFRMNVAPACLPERDWAESTLMTQKTGIVSGFGRTHEKGRQSTRLKMLEVPYVDRNSCKLSS
SFIITQNMFCAGYDTKQEDACQGDSGGPHVTRFKDTYFVTGIVSWGEGCARKGKYGIYTKVTAFLKWIDRSMKTRGLPKA
KSHAPEVVITSSPLK
;
D
2 'polypeptide(L)'
;YKDGDQCETSPCQNQGKCKDGLGEYTCTCLEGFEGKNCELFTRKLCSLDNGDCDQFCHEEQNSVVCSCARGYTLADNGKA
CIPTGPYPCGKQTLER
;
F
#
# COMPACT_ATOMS: atom_id res chain seq x y z
N ILE A 1 4.11 -6.35 12.68
CA ILE A 1 2.65 -6.55 12.53
C ILE A 1 2.36 -7.40 13.71
N VAL A 2 1.26 -7.18 14.36
CA VAL A 2 0.94 -8.02 15.54
C VAL A 2 -0.10 -8.98 15.00
N GLY A 3 0.05 -10.18 15.45
CA GLY A 3 -0.83 -11.33 15.07
C GLY A 3 -1.59 -11.34 13.76
N GLY A 4 -0.87 -11.62 12.72
CA GLY A 4 -1.48 -11.69 11.34
C GLY A 4 -0.95 -13.03 10.96
N GLN A 5 -0.62 -13.26 9.73
CA GLN A 5 -0.07 -14.60 9.31
C GLN A 5 1.16 -14.21 8.45
N GLU A 6 1.81 -15.11 7.78
CA GLU A 6 3.00 -14.68 6.96
C GLU A 6 2.50 -14.64 5.52
N CYS A 7 3.32 -14.16 4.63
CA CYS A 7 2.91 -14.10 3.21
C CYS A 7 3.53 -15.32 2.53
N LYS A 8 2.70 -16.02 1.80
CA LYS A 8 3.16 -17.26 1.08
C LYS A 8 3.94 -16.72 -0.11
N ASP A 9 4.77 -17.51 -0.73
CA ASP A 9 5.51 -16.91 -1.90
C ASP A 9 4.41 -16.48 -2.84
N GLY A 10 4.60 -15.37 -3.46
CA GLY A 10 3.61 -14.87 -4.40
C GLY A 10 2.56 -14.04 -3.76
N GLU A 11 2.19 -14.41 -2.57
CA GLU A 11 1.12 -13.64 -1.88
C GLU A 11 1.23 -12.14 -1.68
N CYS A 12 2.35 -11.63 -1.25
CA CYS A 12 2.41 -10.13 -1.05
C CYS A 12 3.54 -9.43 -1.86
N PRO A 13 3.47 -9.50 -3.17
CA PRO A 13 4.60 -9.16 -4.02
C PRO A 13 4.88 -7.68 -4.21
N TRP A 14 4.01 -6.83 -3.79
CA TRP A 14 4.21 -5.34 -3.96
C TRP A 14 4.77 -4.70 -2.71
N GLN A 15 5.42 -5.50 -1.92
CA GLN A 15 5.99 -5.04 -0.63
C GLN A 15 7.42 -4.66 -0.82
N ALA A 16 7.78 -3.54 -0.31
CA ALA A 16 9.19 -3.09 -0.44
C ALA A 16 9.58 -2.86 0.98
N LEU A 17 10.83 -2.95 1.25
CA LEU A 17 11.32 -2.73 2.66
C LEU A 17 12.32 -1.60 2.50
N LEU A 18 12.51 -0.77 3.49
CA LEU A 18 13.50 0.33 3.29
C LEU A 18 14.55 -0.05 4.31
N ILE A 19 15.77 -0.01 3.89
CA ILE A 19 16.86 -0.38 4.82
C ILE A 19 17.65 0.88 5.03
N ASN A 20 18.27 0.97 6.17
CA ASN A 20 19.10 2.17 6.54
C ASN A 20 20.53 1.76 6.58
N GLU A 21 21.38 2.76 6.63
CA GLU A 21 22.87 2.62 6.69
C GLU A 21 23.46 1.27 7.21
N GLU A 22 22.82 0.62 8.15
CA GLU A 22 23.36 -0.67 8.68
C GLU A 22 22.55 -1.86 8.16
N ASN A 23 21.92 -1.70 7.03
CA ASN A 23 21.06 -2.75 6.39
C ASN A 23 20.12 -3.40 7.39
N GLU A 24 19.41 -2.51 8.01
CA GLU A 24 18.40 -2.87 9.04
C GLU A 24 17.23 -2.20 8.38
N GLY A 25 16.08 -2.76 8.46
CA GLY A 25 14.95 -2.07 7.78
C GLY A 25 14.23 -1.24 8.76
N PHE A 26 13.69 -0.12 8.34
CA PHE A 26 12.95 0.73 9.31
C PHE A 26 11.52 0.98 8.89
N CYS A 27 11.28 1.17 7.64
CA CYS A 27 9.89 1.42 7.14
C CYS A 27 9.69 0.42 6.00
N GLY A 28 8.52 0.43 5.45
CA GLY A 28 8.17 -0.46 4.33
C GLY A 28 7.68 0.47 3.16
N GLY A 29 7.30 -0.15 2.05
CA GLY A 29 6.81 0.68 0.88
C GLY A 29 5.98 -0.22 0.02
N THR A 30 5.38 0.34 -0.98
CA THR A 30 4.54 -0.45 -1.89
C THR A 30 5.19 -0.19 -3.24
N ILE A 31 5.23 -1.17 -4.10
CA ILE A 31 5.84 -0.99 -5.46
C ILE A 31 4.65 -0.59 -6.32
N LEU A 32 4.85 0.43 -7.10
CA LEU A 32 3.79 0.95 -8.00
C LEU A 32 4.17 0.65 -9.45
N SER A 33 5.42 0.79 -9.79
CA SER A 33 5.86 0.50 -11.18
C SER A 33 7.32 0.01 -11.09
N GLU A 34 8.01 -0.07 -12.20
CA GLU A 34 9.43 -0.54 -12.19
C GLU A 34 10.34 0.56 -11.69
N PHE A 35 9.83 1.74 -11.65
CA PHE A 35 10.61 2.91 -11.17
C PHE A 35 10.14 3.52 -9.87
N TYR A 36 8.88 3.40 -9.54
CA TYR A 36 8.41 4.03 -8.27
C TYR A 36 7.93 3.14 -7.16
N ILE A 37 8.19 3.67 -6.00
CA ILE A 37 7.81 3.02 -4.71
C ILE A 37 7.05 4.15 -3.96
N LEU A 38 6.17 3.76 -3.07
CA LEU A 38 5.37 4.74 -2.28
C LEU A 38 5.77 4.37 -0.88
N THR A 39 5.88 5.33 -0.02
CA THR A 39 6.25 5.02 1.39
C THR A 39 5.65 6.16 2.18
N ALA A 40 5.93 6.21 3.44
CA ALA A 40 5.37 7.30 4.34
C ALA A 40 6.42 8.36 4.56
N ALA A 41 6.19 9.53 4.05
CA ALA A 41 7.17 10.66 4.22
C ALA A 41 7.95 10.68 5.52
N HIS A 42 7.30 10.41 6.63
CA HIS A 42 8.10 10.44 7.89
C HIS A 42 9.31 9.52 7.80
N CYS A 43 9.19 8.39 7.20
CA CYS A 43 10.35 7.46 7.08
C CYS A 43 11.65 8.16 6.63
N LEU A 44 11.49 9.22 5.91
CA LEU A 44 12.68 9.95 5.44
C LEU A 44 13.55 10.37 6.61
N TYR A 45 12.92 10.52 7.74
CA TYR A 45 13.62 10.94 8.97
C TYR A 45 13.96 9.78 9.96
N GLN A 46 13.91 8.52 9.63
CA GLN A 46 14.26 7.44 10.64
C GLN A 46 15.63 6.92 10.30
N ALA A 47 16.22 7.40 9.25
CA ALA A 47 17.59 6.92 8.85
C ALA A 47 18.23 8.06 8.07
N LYS A 48 19.52 8.03 7.93
CA LYS A 48 20.18 9.15 7.16
C LYS A 48 20.53 8.74 5.74
N ARG A 49 20.68 7.46 5.54
CA ARG A 49 21.03 6.91 4.21
C ARG A 49 20.16 5.69 4.14
N PHE A 50 19.42 5.51 3.08
CA PHE A 50 18.56 4.28 2.99
C PHE A 50 18.47 3.81 1.54
N LYS A 51 18.09 2.57 1.38
CA LYS A 51 17.95 1.97 0.02
C LYS A 51 16.61 1.23 0.09
N VAL A 52 16.16 0.71 -1.04
CA VAL A 52 14.86 -0.03 -1.06
C VAL A 52 15.20 -1.46 -1.41
N ARG A 53 14.60 -2.42 -0.76
CA ARG A 53 14.89 -3.84 -1.06
C ARG A 53 13.56 -4.50 -1.42
N VAL A 54 13.54 -5.40 -2.36
CA VAL A 54 12.28 -6.08 -2.78
C VAL A 54 12.57 -7.55 -2.89
N GLY A 55 11.55 -8.32 -3.07
CA GLY A 55 11.70 -9.79 -3.21
C GLY A 55 12.41 -10.42 -2.04
N ASP A 56 11.90 -10.14 -0.88
CA ASP A 56 12.53 -10.72 0.36
C ASP A 56 11.40 -11.07 1.30
N ARG A 57 11.48 -12.15 2.02
CA ARG A 57 10.37 -12.49 2.95
C ARG A 57 10.90 -12.82 4.33
N ASN A 58 12.19 -12.67 4.51
CA ASN A 58 12.81 -12.96 5.85
C ASN A 58 13.96 -11.98 6.14
N THR A 59 13.70 -10.82 6.67
CA THR A 59 14.78 -9.82 6.99
C THR A 59 16.20 -10.40 7.28
N GLU A 60 16.36 -11.51 7.99
CA GLU A 60 17.77 -12.01 8.24
C GLU A 60 18.14 -13.17 7.33
N GLN A 61 17.75 -13.13 6.09
CA GLN A 61 18.11 -14.25 5.16
C GLN A 61 18.02 -13.74 3.72
N GLU A 62 18.56 -14.48 2.81
CA GLU A 62 18.51 -14.10 1.37
C GLU A 62 17.98 -15.40 0.83
N GLU A 63 16.93 -15.31 0.08
CA GLU A 63 16.34 -16.54 -0.50
C GLU A 63 16.57 -16.55 -1.98
N GLY A 64 16.76 -15.38 -2.55
CA GLY A 64 16.98 -15.23 -4.02
C GLY A 64 15.97 -14.13 -4.36
N GLY A 65 16.06 -13.52 -5.50
CA GLY A 65 15.07 -12.46 -5.81
C GLY A 65 15.69 -11.23 -5.19
N GLU A 66 15.55 -11.16 -3.89
CA GLU A 66 16.08 -10.03 -3.04
C GLU A 66 16.98 -9.04 -3.78
N ALA A 67 16.39 -7.98 -4.24
CA ALA A 67 17.16 -6.96 -4.97
C ALA A 67 17.20 -5.75 -4.10
N VAL A 68 18.19 -4.95 -4.28
CA VAL A 68 18.38 -3.71 -3.50
C VAL A 68 18.50 -2.69 -4.61
N HIS A 69 17.85 -1.58 -4.46
CA HIS A 69 17.91 -0.52 -5.51
C HIS A 69 18.31 0.73 -4.78
N GLU A 70 18.81 1.69 -5.48
CA GLU A 70 19.21 2.94 -4.77
C GLU A 70 18.15 3.93 -5.21
N VAL A 71 18.12 5.05 -4.56
CA VAL A 71 17.09 6.06 -4.92
C VAL A 71 17.79 7.03 -5.84
N GLU A 72 17.00 7.71 -6.61
CA GLU A 72 17.54 8.70 -7.56
C GLU A 72 16.95 10.00 -7.19
N VAL A 73 15.64 10.04 -7.10
CA VAL A 73 14.91 11.29 -6.74
C VAL A 73 13.74 10.86 -5.84
N VAL A 74 13.40 11.67 -4.86
CA VAL A 74 12.29 11.32 -3.95
C VAL A 74 11.43 12.56 -3.80
N ILE A 75 10.16 12.34 -3.90
CA ILE A 75 9.17 13.42 -3.79
C ILE A 75 8.53 13.15 -2.42
N LYS A 76 8.44 14.17 -1.62
CA LYS A 76 7.86 14.08 -0.25
C LYS A 76 6.73 15.05 -0.36
N HIS A 77 5.58 14.86 0.22
CA HIS A 77 4.55 15.96 0.00
C HIS A 77 5.08 17.22 0.69
N ASN A 78 5.12 18.34 0.04
CA ASN A 78 5.62 19.56 0.75
C ASN A 78 4.61 20.07 1.81
N ARG A 79 3.55 19.36 2.12
CA ARG A 79 2.57 19.85 3.16
C ARG A 79 2.65 18.83 4.32
N PHE A 80 3.77 18.19 4.43
CA PHE A 80 3.99 17.17 5.50
C PHE A 80 4.39 17.90 6.74
N THR A 81 3.62 17.77 7.78
CA THR A 81 3.97 18.46 9.03
C THR A 81 4.36 17.38 10.00
N LYS A 82 5.61 17.39 10.32
CA LYS A 82 6.24 16.41 11.27
C LYS A 82 5.40 16.20 12.54
N GLU A 83 4.72 17.25 12.91
CA GLU A 83 3.86 17.23 14.15
C GLU A 83 2.49 16.61 13.96
N THR A 84 2.01 16.61 12.76
CA THR A 84 0.66 16.02 12.56
C THR A 84 0.68 14.69 11.76
N TYR A 85 1.70 14.52 10.94
CA TYR A 85 1.87 13.32 10.08
C TYR A 85 0.71 13.41 9.13
N ASP A 86 0.37 14.64 8.80
CA ASP A 86 -0.76 14.96 7.88
C ASP A 86 0.00 14.98 6.57
N PHE A 87 -0.65 14.71 5.47
CA PHE A 87 0.07 14.69 4.15
C PHE A 87 1.30 13.78 4.35
N ASP A 88 1.07 12.61 4.87
CA ASP A 88 2.23 11.66 5.11
C ASP A 88 2.33 10.68 3.92
N ILE A 89 2.99 11.17 2.88
CA ILE A 89 3.21 10.36 1.65
C ILE A 89 4.45 10.88 0.89
N ALA A 90 5.14 9.98 0.28
CA ALA A 90 6.34 10.39 -0.49
C ALA A 90 6.44 9.27 -1.51
N VAL A 91 6.99 9.54 -2.66
CA VAL A 91 7.12 8.49 -3.69
C VAL A 91 8.62 8.51 -3.95
N LEU A 92 9.16 7.39 -4.25
CA LEU A 92 10.62 7.34 -4.50
C LEU A 92 10.76 6.97 -5.94
N ARG A 93 11.79 7.43 -6.54
CA ARG A 93 12.05 7.11 -7.94
C ARG A 93 13.40 6.40 -7.71
N LEU A 94 13.53 5.23 -8.27
CA LEU A 94 14.79 4.48 -8.11
C LEU A 94 15.68 4.82 -9.30
N LYS A 95 16.89 4.34 -9.23
CA LYS A 95 17.90 4.59 -10.30
C LYS A 95 17.90 3.42 -11.32
N THR A 96 17.63 2.24 -10.85
CA THR A 96 17.62 1.07 -11.76
C THR A 96 16.26 0.42 -11.62
N PRO A 97 15.63 0.07 -12.71
CA PRO A 97 14.25 -0.44 -12.67
C PRO A 97 14.21 -1.80 -12.00
N ILE A 98 13.03 -2.16 -11.59
CA ILE A 98 12.77 -3.44 -10.93
C ILE A 98 12.41 -4.41 -12.04
N THR A 99 12.85 -5.61 -11.80
CA THR A 99 12.61 -6.71 -12.73
C THR A 99 11.49 -7.39 -11.96
N PHE A 100 10.26 -7.16 -12.34
CA PHE A 100 9.19 -7.84 -11.56
C PHE A 100 9.40 -9.30 -11.67
N ARG A 101 9.09 -10.08 -10.71
CA ARG A 101 9.33 -11.54 -10.87
C ARG A 101 8.64 -12.20 -9.73
N MET A 102 8.89 -13.47 -9.56
CA MET A 102 8.22 -14.17 -8.44
C MET A 102 8.48 -13.34 -7.20
N ASN A 103 7.38 -13.09 -6.55
CA ASN A 103 7.36 -12.31 -5.32
C ASN A 103 7.72 -10.84 -5.51
N VAL A 104 7.53 -10.28 -6.67
CA VAL A 104 7.86 -8.86 -6.87
C VAL A 104 6.93 -8.39 -7.95
N ALA A 105 5.83 -7.82 -7.59
CA ALA A 105 4.86 -7.32 -8.61
C ALA A 105 4.39 -6.02 -8.04
N PRO A 106 3.86 -5.11 -8.81
CA PRO A 106 3.24 -3.87 -8.28
C PRO A 106 1.81 -4.08 -7.70
N ALA A 107 1.28 -3.02 -7.10
CA ALA A 107 -0.09 -3.06 -6.51
C ALA A 107 -0.77 -2.07 -7.45
N CYS A 108 -2.06 -2.17 -7.68
CA CYS A 108 -2.67 -1.18 -8.63
C CYS A 108 -3.21 0.07 -7.96
N LEU A 109 -3.22 1.13 -8.72
CA LEU A 109 -3.72 2.43 -8.21
C LEU A 109 -5.11 2.48 -8.80
N PRO A 110 -6.11 2.67 -7.99
CA PRO A 110 -7.48 2.65 -8.49
C PRO A 110 -7.69 4.06 -9.03
N GLU A 111 -8.88 4.36 -9.47
CA GLU A 111 -9.14 5.73 -9.99
C GLU A 111 -10.13 6.30 -8.99
N ARG A 112 -9.69 7.34 -8.37
CA ARG A 112 -10.43 8.08 -7.35
C ARG A 112 -11.90 7.70 -7.11
N ASP A 113 -12.81 8.30 -7.80
CA ASP A 113 -14.26 7.95 -7.59
C ASP A 113 -14.55 6.47 -7.35
N TRP A 114 -14.13 5.67 -8.28
CA TRP A 114 -14.36 4.20 -8.17
C TRP A 114 -13.81 3.70 -6.86
N ALA A 115 -12.66 4.21 -6.54
CA ALA A 115 -12.01 3.80 -5.27
C ALA A 115 -12.96 4.13 -4.12
N GLU A 116 -13.40 5.35 -4.13
CA GLU A 116 -14.33 5.87 -3.09
C GLU A 116 -15.55 4.99 -2.90
N SER A 117 -16.23 4.75 -3.97
CA SER A 117 -17.45 3.92 -3.90
C SER A 117 -17.27 2.43 -3.73
N THR A 118 -16.21 1.87 -4.24
CA THR A 118 -16.04 0.39 -4.09
C THR A 118 -15.04 -0.17 -3.07
N LEU A 119 -13.83 0.28 -3.16
CA LEU A 119 -12.80 -0.22 -2.19
C LEU A 119 -12.97 0.27 -0.81
N MET A 120 -13.15 1.56 -0.73
CA MET A 120 -13.31 2.18 0.59
C MET A 120 -14.61 1.82 1.27
N THR A 121 -15.51 1.17 0.57
CA THR A 121 -16.79 0.79 1.23
C THR A 121 -16.75 -0.73 1.39
N GLN A 122 -15.58 -1.27 1.26
CA GLN A 122 -15.46 -2.75 1.41
C GLN A 122 -15.49 -2.91 2.93
N LYS A 123 -15.49 -4.11 3.42
CA LYS A 123 -15.52 -4.25 4.89
C LYS A 123 -14.11 -4.30 5.44
N THR A 124 -13.16 -4.69 4.65
CA THR A 124 -11.79 -4.76 5.18
C THR A 124 -10.76 -4.43 4.11
N GLY A 125 -9.57 -4.24 4.58
CA GLY A 125 -8.41 -3.91 3.72
C GLY A 125 -7.38 -4.84 4.29
N ILE A 126 -6.24 -4.92 3.70
CA ILE A 126 -5.21 -5.86 4.26
C ILE A 126 -3.94 -5.02 4.34
N VAL A 127 -3.12 -5.21 5.34
CA VAL A 127 -1.86 -4.39 5.45
C VAL A 127 -0.72 -5.43 5.57
N SER A 128 0.51 -5.06 5.34
CA SER A 128 1.59 -6.07 5.46
C SER A 128 2.82 -5.34 5.98
N GLY A 129 3.84 -6.07 6.35
CA GLY A 129 5.08 -5.39 6.85
C GLY A 129 6.02 -6.40 7.53
N PHE A 130 7.22 -5.96 7.84
CA PHE A 130 8.27 -6.81 8.51
C PHE A 130 8.56 -6.31 9.93
N GLY A 131 7.82 -5.35 10.42
CA GLY A 131 8.11 -4.85 11.79
C GLY A 131 7.41 -5.52 12.95
N ARG A 132 7.88 -5.14 14.12
CA ARG A 132 7.40 -5.64 15.43
C ARG A 132 6.16 -6.53 15.36
N THR A 133 6.49 -7.73 15.72
CA THR A 133 5.61 -8.93 15.81
C THR A 133 5.35 -9.41 17.26
N HIS A 134 4.46 -8.76 17.96
CA HIS A 134 4.20 -9.20 19.37
C HIS A 134 3.10 -10.26 19.50
N GLU A 135 3.31 -11.47 19.04
CA GLU A 135 2.22 -12.49 19.20
C GLU A 135 2.61 -13.97 19.29
N LYS A 136 2.36 -14.76 18.28
CA LYS A 136 2.72 -16.21 18.34
C LYS A 136 3.14 -16.64 16.92
N GLY A 137 4.10 -15.98 16.35
CA GLY A 137 4.56 -16.33 14.96
C GLY A 137 6.07 -16.56 14.91
N ARG A 138 6.48 -17.71 15.35
CA ARG A 138 7.92 -18.13 15.38
C ARG A 138 8.84 -17.47 14.32
N GLN A 139 9.89 -16.86 14.81
CA GLN A 139 10.97 -16.12 14.06
C GLN A 139 10.60 -14.65 14.14
N SER A 140 11.46 -13.75 13.79
CA SER A 140 11.05 -12.30 13.89
C SER A 140 11.32 -11.52 12.62
N THR A 141 11.87 -12.12 11.62
CA THR A 141 12.13 -11.35 10.37
C THR A 141 11.26 -11.75 9.21
N ARG A 142 10.17 -12.43 9.46
CA ARG A 142 9.31 -12.86 8.31
C ARG A 142 8.37 -11.74 7.86
N LEU A 143 7.83 -11.87 6.67
CA LEU A 143 6.90 -10.83 6.15
C LEU A 143 5.54 -11.27 6.58
N LYS A 144 4.78 -10.36 7.11
CA LYS A 144 3.43 -10.71 7.56
C LYS A 144 2.40 -9.84 6.87
N MET A 145 1.22 -10.32 7.07
CA MET A 145 0.01 -9.72 6.51
C MET A 145 -1.03 -9.77 7.59
N LEU A 146 -1.96 -8.86 7.58
CA LEU A 146 -3.00 -8.86 8.61
C LEU A 146 -4.20 -8.19 7.92
N GLU A 147 -5.38 -8.67 8.16
CA GLU A 147 -6.56 -8.07 7.52
C GLU A 147 -7.14 -7.21 8.59
N VAL A 148 -7.32 -5.96 8.25
CA VAL A 148 -7.89 -4.98 9.20
C VAL A 148 -9.20 -4.51 8.58
N PRO A 149 -10.29 -4.56 9.27
CA PRO A 149 -11.51 -3.87 8.80
C PRO A 149 -11.37 -2.35 8.82
N TYR A 150 -12.19 -1.71 8.03
CA TYR A 150 -12.15 -0.21 7.96
C TYR A 150 -13.00 0.30 9.09
N VAL A 151 -12.67 1.45 9.61
CA VAL A 151 -13.45 2.08 10.75
C VAL A 151 -14.14 3.33 10.19
N ASP A 152 -15.20 3.75 10.81
CA ASP A 152 -15.93 4.96 10.30
C ASP A 152 -15.39 6.18 10.99
N ARG A 153 -15.10 7.16 10.20
CA ARG A 153 -14.55 8.44 10.71
C ARG A 153 -15.05 8.93 12.05
N ASN A 154 -16.29 8.79 12.35
CA ASN A 154 -16.78 9.28 13.65
C ASN A 154 -16.11 8.52 14.72
N SER A 155 -16.20 7.22 14.64
CA SER A 155 -15.54 6.40 15.69
C SER A 155 -14.02 6.52 15.67
N CYS A 156 -13.52 7.02 14.60
CA CYS A 156 -12.02 7.16 14.49
C CYS A 156 -11.74 8.45 15.21
N LYS A 157 -12.25 9.52 14.67
CA LYS A 157 -12.07 10.86 15.29
C LYS A 157 -12.36 10.82 16.81
N LEU A 158 -13.32 10.03 17.23
CA LEU A 158 -13.66 9.93 18.67
C LEU A 158 -12.79 8.91 19.42
N SER A 159 -11.71 8.42 18.88
CA SER A 159 -10.88 7.41 19.68
C SER A 159 -9.49 7.92 19.78
N SER A 160 -9.05 8.41 18.65
CA SER A 160 -7.69 8.98 18.55
C SER A 160 -7.54 10.15 19.57
N SER A 161 -6.35 10.33 20.06
CA SER A 161 -6.12 11.44 21.02
C SER A 161 -5.77 12.69 20.18
N PHE A 162 -5.27 12.46 18.98
CA PHE A 162 -4.87 13.55 18.05
C PHE A 162 -5.82 13.57 16.88
N ILE A 163 -5.64 14.58 16.09
CA ILE A 163 -6.51 14.79 14.90
C ILE A 163 -6.39 13.73 13.83
N ILE A 164 -7.46 13.71 13.07
CA ILE A 164 -7.68 12.80 11.93
C ILE A 164 -8.13 13.87 10.96
N THR A 165 -7.33 14.10 9.97
CA THR A 165 -7.65 15.13 8.95
C THR A 165 -8.34 14.36 7.81
N GLN A 166 -8.71 14.94 6.71
CA GLN A 166 -9.40 14.04 5.71
C GLN A 166 -8.45 13.24 4.88
N ASN A 167 -7.22 13.21 5.30
CA ASN A 167 -6.20 12.44 4.54
C ASN A 167 -5.76 11.27 5.41
N MET A 168 -6.55 10.87 6.39
CA MET A 168 -6.16 9.71 7.28
C MET A 168 -7.38 8.85 7.36
N PHE A 169 -7.38 7.58 7.75
CA PHE A 169 -8.76 6.92 7.78
C PHE A 169 -9.06 5.83 8.85
N CYS A 170 -8.06 5.35 9.53
CA CYS A 170 -8.26 4.28 10.61
C CYS A 170 -8.67 2.94 10.14
N ALA A 171 -8.07 1.91 10.69
CA ALA A 171 -8.41 0.52 10.30
C ALA A 171 -7.83 -0.32 11.44
N GLY A 172 -8.43 -1.43 11.70
CA GLY A 172 -7.87 -2.28 12.79
C GLY A 172 -9.05 -2.80 13.57
N TYR A 173 -8.78 -3.56 14.60
CA TYR A 173 -9.84 -4.14 15.44
C TYR A 173 -9.93 -3.24 16.67
N ASP A 174 -10.97 -3.31 17.45
CA ASP A 174 -11.02 -2.39 18.62
C ASP A 174 -10.46 -3.06 19.87
N THR A 175 -10.71 -4.34 20.01
CA THR A 175 -10.19 -5.08 21.21
C THR A 175 -9.18 -6.18 20.85
N LYS A 176 -9.41 -6.79 19.73
CA LYS A 176 -8.52 -7.89 19.25
C LYS A 176 -7.13 -7.24 19.18
N GLN A 177 -6.10 -7.98 19.40
CA GLN A 177 -4.76 -7.34 19.35
C GLN A 177 -3.97 -7.75 18.16
N GLU A 178 -4.37 -7.25 17.03
CA GLU A 178 -3.69 -7.54 15.74
C GLU A 178 -3.55 -6.15 15.17
N ASP A 179 -2.38 -5.74 14.77
CA ASP A 179 -2.32 -4.35 14.21
C ASP A 179 -1.00 -4.03 13.52
N ALA A 180 -0.95 -2.86 12.94
CA ALA A 180 0.28 -2.43 12.24
C ALA A 180 1.06 -1.94 13.43
N CYS A 181 2.32 -2.23 13.45
CA CYS A 181 3.22 -1.83 14.56
C CYS A 181 4.44 -1.15 14.01
N GLN A 182 5.31 -0.81 14.90
CA GLN A 182 6.57 -0.10 14.50
C GLN A 182 7.29 -1.02 13.54
N GLY A 183 7.73 -0.45 12.45
CA GLY A 183 8.47 -1.21 11.40
C GLY A 183 7.55 -1.60 10.27
N ASP A 184 6.32 -1.27 10.30
CA ASP A 184 5.36 -1.53 9.18
C ASP A 184 5.01 -0.15 8.53
N SER A 185 5.35 0.91 9.22
CA SER A 185 5.09 2.30 8.73
C SER A 185 5.54 2.42 7.28
N GLY A 186 4.80 3.10 6.44
CA GLY A 186 5.26 3.21 5.01
C GLY A 186 4.71 2.06 4.21
N GLY A 187 4.66 1.01 4.81
CA GLY A 187 4.14 -0.23 4.20
C GLY A 187 2.73 -0.08 3.59
N PRO A 188 2.37 -1.04 2.78
CA PRO A 188 1.10 -1.03 2.05
C PRO A 188 -0.15 -1.47 2.85
N HIS A 189 -1.27 -0.90 2.48
CA HIS A 189 -2.62 -1.17 3.06
C HIS A 189 -3.29 -1.30 1.66
N VAL A 190 -3.65 -2.51 1.30
CA VAL A 190 -4.29 -2.81 -0.01
C VAL A 190 -5.71 -3.47 0.12
N THR A 191 -6.62 -3.09 -0.74
CA THR A 191 -8.01 -3.62 -0.73
C THR A 191 -8.12 -4.49 -1.96
N ARG A 192 -8.76 -5.61 -1.79
CA ARG A 192 -8.96 -6.60 -2.88
C ARG A 192 -10.35 -6.50 -3.45
N PHE A 193 -10.44 -6.39 -4.73
CA PHE A 193 -11.75 -6.29 -5.41
C PHE A 193 -11.53 -7.39 -6.40
N LYS A 194 -12.50 -8.22 -6.60
CA LYS A 194 -12.40 -9.37 -7.55
C LYS A 194 -10.97 -9.79 -7.87
N ASP A 195 -10.43 -10.57 -7.01
CA ASP A 195 -9.02 -11.08 -7.15
C ASP A 195 -7.89 -10.10 -7.61
N THR A 196 -8.12 -8.83 -7.54
CA THR A 196 -7.09 -7.84 -7.93
C THR A 196 -6.94 -6.99 -6.63
N TYR A 197 -5.76 -6.54 -6.39
CA TYR A 197 -5.48 -5.70 -5.18
C TYR A 197 -5.07 -4.27 -5.55
N PHE A 198 -5.70 -3.26 -4.99
CA PHE A 198 -5.34 -1.84 -5.31
C PHE A 198 -4.91 -1.26 -3.98
N VAL A 199 -4.04 -0.27 -3.96
CA VAL A 199 -3.62 0.29 -2.63
C VAL A 199 -4.59 1.34 -2.20
N THR A 200 -4.98 1.22 -0.95
CA THR A 200 -5.91 2.18 -0.40
C THR A 200 -5.19 2.99 0.69
N GLY A 201 -4.06 2.57 1.18
CA GLY A 201 -3.45 3.44 2.24
C GLY A 201 -1.97 3.19 2.38
N ILE A 202 -1.36 3.96 3.23
CA ILE A 202 0.09 3.87 3.54
C ILE A 202 -0.04 3.84 5.09
N VAL A 203 0.63 2.95 5.75
CA VAL A 203 0.57 2.84 7.24
C VAL A 203 1.18 4.18 7.69
N SER A 204 0.56 4.87 8.61
CA SER A 204 1.10 6.17 9.06
C SER A 204 1.43 6.07 10.50
N TRP A 205 0.47 6.08 11.39
CA TRP A 205 0.86 5.96 12.84
C TRP A 205 -0.21 5.27 13.64
N GLY A 206 0.04 5.21 14.90
CA GLY A 206 -0.91 4.57 15.84
C GLY A 206 -0.51 5.06 17.20
N GLU A 207 -1.22 4.69 18.22
CA GLU A 207 -0.88 5.13 19.61
C GLU A 207 -0.58 3.81 20.32
N GLY A 208 0.50 3.22 19.87
CA GLY A 208 0.93 1.93 20.43
C GLY A 208 0.43 0.91 19.41
N CYS A 209 0.95 -0.27 19.47
CA CYS A 209 0.51 -1.31 18.50
C CYS A 209 -0.48 -2.12 19.31
N ALA A 210 -1.62 -2.39 18.75
CA ALA A 210 -2.71 -3.19 19.43
C ALA A 210 -2.95 -2.83 20.91
N ARG A 211 -3.44 -1.64 21.08
CA ARG A 211 -3.77 -1.06 22.40
C ARG A 211 -5.30 -1.16 22.27
N LYS A 212 -6.00 -1.67 23.23
CA LYS A 212 -7.48 -1.77 23.09
C LYS A 212 -8.22 -0.43 23.02
N GLY A 213 -8.89 -0.14 21.96
CA GLY A 213 -9.62 1.16 21.87
C GLY A 213 -8.99 2.05 20.85
N LYS A 214 -7.83 1.68 20.41
CA LYS A 214 -7.11 2.49 19.40
C LYS A 214 -7.04 1.61 18.16
N TYR A 215 -7.00 2.27 17.04
CA TYR A 215 -6.93 1.58 15.71
C TYR A 215 -5.63 2.18 15.12
N GLY A 216 -5.25 1.77 13.94
CA GLY A 216 -3.99 2.34 13.34
C GLY A 216 -4.49 3.30 12.31
N ILE A 217 -3.80 4.36 11.96
CA ILE A 217 -4.40 5.25 10.93
C ILE A 217 -3.46 5.20 9.76
N TYR A 218 -4.02 5.28 8.58
CA TYR A 218 -3.23 5.20 7.34
C TYR A 218 -3.45 6.47 6.55
N THR A 219 -2.60 6.73 5.57
CA THR A 219 -2.76 7.95 4.75
C THR A 219 -3.93 7.56 3.84
N LYS A 220 -4.64 8.53 3.39
CA LYS A 220 -5.83 8.33 2.51
C LYS A 220 -5.20 8.33 1.07
N VAL A 221 -4.74 7.22 0.52
CA VAL A 221 -4.17 7.31 -0.86
C VAL A 221 -5.19 7.91 -1.80
N THR A 222 -6.41 7.55 -1.66
CA THR A 222 -7.45 8.15 -2.57
C THR A 222 -7.45 9.71 -2.58
N ALA A 223 -6.87 10.32 -1.57
CA ALA A 223 -6.82 11.84 -1.49
C ALA A 223 -5.49 12.38 -2.07
N PHE A 224 -4.66 11.45 -2.47
CA PHE A 224 -3.33 11.74 -3.06
C PHE A 224 -3.19 11.16 -4.44
N LEU A 225 -4.14 10.40 -4.88
CA LEU A 225 -4.11 9.77 -6.25
C LEU A 225 -3.52 10.66 -7.39
N LYS A 226 -4.09 11.84 -7.60
CA LYS A 226 -3.55 12.73 -8.69
C LYS A 226 -2.15 13.23 -8.33
N TRP A 227 -1.93 13.42 -7.06
CA TRP A 227 -0.60 13.88 -6.61
C TRP A 227 0.33 12.77 -7.10
N ILE A 228 0.16 11.57 -6.57
CA ILE A 228 0.98 10.36 -6.96
C ILE A 228 1.25 10.33 -8.49
N ASP A 229 0.18 10.40 -9.21
CA ASP A 229 0.24 10.38 -10.67
C ASP A 229 1.24 11.42 -11.19
N ARG A 230 1.10 12.64 -10.78
CA ARG A 230 2.06 13.65 -11.30
C ARG A 230 3.44 13.32 -10.81
N SER A 231 3.48 12.95 -9.58
CA SER A 231 4.78 12.59 -8.98
C SER A 231 5.46 11.49 -9.79
N MET A 232 4.68 10.63 -10.36
CA MET A 232 5.27 9.51 -11.17
C MET A 232 5.66 9.99 -12.54
N LYS A 233 5.41 11.23 -12.82
CA LYS A 233 5.77 11.78 -14.16
C LYS A 233 6.95 12.74 -14.02
N THR A 234 7.01 13.36 -12.89
CA THR A 234 8.11 14.30 -12.70
C THR A 234 9.25 13.50 -12.07
N ARG A 235 10.23 14.26 -11.70
CA ARG A 235 11.48 13.76 -11.07
C ARG A 235 11.99 15.03 -10.35
N GLY A 236 11.21 15.51 -9.42
CA GLY A 236 11.55 16.74 -8.65
C GLY A 236 11.50 16.43 -7.16
N LEU A 237 11.43 17.46 -6.38
CA LEU A 237 11.38 17.33 -4.89
C LEU A 237 9.98 17.91 -4.50
N PRO A 238 9.66 17.99 -3.24
CA PRO A 238 8.28 17.89 -2.70
C PRO A 238 6.95 18.03 -3.48
N LYS A 239 6.81 19.14 -4.15
CA LYS A 239 5.59 19.50 -4.96
C LYS A 239 4.34 19.37 -4.06
N ALA A 240 3.21 19.81 -4.54
CA ALA A 240 1.97 19.72 -3.70
C ALA A 240 0.83 19.34 -4.60
N LYS A 241 -0.30 19.42 -3.94
CA LYS A 241 -1.68 19.16 -4.44
C LYS A 241 -2.06 17.70 -4.11
N LEU B 45 -26.59 -1.33 -13.81
CA LEU B 45 -25.81 -0.05 -13.62
C LEU B 45 -24.54 -0.41 -12.87
N CYS B 46 -23.69 0.56 -12.61
CA CYS B 46 -22.43 0.23 -11.87
C CYS B 46 -22.81 -0.38 -10.53
N SER B 47 -23.19 0.41 -9.57
CA SER B 47 -23.59 -0.05 -8.20
C SER B 47 -23.97 -1.54 -8.17
N LEU B 48 -25.07 -1.81 -8.83
CA LEU B 48 -25.68 -3.17 -8.95
C LEU B 48 -24.68 -4.25 -8.59
N ASP B 49 -23.77 -4.44 -9.49
CA ASP B 49 -22.72 -5.46 -9.27
C ASP B 49 -21.52 -4.81 -9.93
N ASN B 50 -21.33 -3.55 -9.65
CA ASN B 50 -20.15 -2.79 -10.24
C ASN B 50 -20.17 -2.95 -11.76
N GLY B 51 -21.31 -2.86 -12.38
CA GLY B 51 -21.35 -3.02 -13.88
C GLY B 51 -21.33 -4.51 -14.29
N ASP B 52 -20.45 -5.21 -13.65
CA ASP B 52 -20.09 -6.66 -13.74
C ASP B 52 -18.70 -6.64 -14.36
N CYS B 53 -18.10 -5.48 -14.23
CA CYS B 53 -16.77 -5.19 -14.73
C CYS B 53 -15.76 -5.86 -13.77
N ASP B 54 -14.56 -6.15 -14.21
CA ASP B 54 -13.60 -6.78 -13.25
C ASP B 54 -13.01 -5.65 -12.41
N GLN B 55 -12.92 -4.49 -12.99
CA GLN B 55 -12.38 -3.38 -12.21
C GLN B 55 -13.27 -2.12 -12.23
N PHE B 56 -12.76 -1.04 -12.75
CA PHE B 56 -13.54 0.26 -12.79
C PHE B 56 -14.73 0.26 -13.62
N CYS B 57 -15.75 0.95 -13.18
CA CYS B 57 -17.04 1.09 -13.89
C CYS B 57 -17.28 2.57 -13.94
N HIS B 58 -17.94 3.01 -14.99
CA HIS B 58 -18.28 4.45 -15.21
C HIS B 58 -19.63 4.39 -15.93
N GLU B 59 -20.33 5.46 -15.88
CA GLU B 59 -21.65 5.52 -16.56
C GLU B 59 -21.34 6.70 -17.45
N GLU B 60 -21.67 6.63 -18.69
CA GLU B 60 -21.36 7.81 -19.56
C GLU B 60 -22.24 7.52 -20.76
N GLN B 61 -22.69 8.57 -21.40
CA GLN B 61 -23.55 8.45 -22.61
C GLN B 61 -24.52 7.22 -22.48
N ASN B 62 -25.31 7.29 -21.45
CA ASN B 62 -26.36 6.25 -21.09
C ASN B 62 -25.89 4.78 -21.02
N SER B 63 -24.61 4.55 -21.09
CA SER B 63 -24.08 3.16 -21.03
C SER B 63 -23.13 3.02 -19.82
N VAL B 64 -22.67 1.81 -19.59
CA VAL B 64 -21.76 1.49 -18.44
C VAL B 64 -20.48 1.21 -19.21
N VAL B 65 -19.40 1.86 -18.92
CA VAL B 65 -18.17 1.56 -19.68
C VAL B 65 -17.21 1.15 -18.58
N CYS B 66 -16.66 0.00 -18.71
CA CYS B 66 -15.71 -0.49 -17.68
C CYS B 66 -14.29 -0.22 -18.21
N SER B 67 -13.34 -0.19 -17.32
CA SER B 67 -11.95 0.05 -17.73
C SER B 67 -11.12 -0.84 -16.85
N CYS B 68 -9.85 -0.86 -17.13
CA CYS B 68 -8.92 -1.68 -16.33
C CYS B 68 -7.74 -0.85 -15.88
N ALA B 69 -6.95 -1.43 -15.01
CA ALA B 69 -5.76 -0.74 -14.46
C ALA B 69 -4.78 -0.67 -15.57
N ARG B 70 -3.65 -0.11 -15.26
CA ARG B 70 -2.61 0.00 -16.26
C ARG B 70 -2.05 -1.44 -16.23
N GLY B 71 -1.80 -1.98 -17.40
CA GLY B 71 -1.25 -3.37 -17.46
C GLY B 71 -2.26 -4.35 -17.91
N TYR B 72 -3.47 -3.88 -18.13
CA TYR B 72 -4.58 -4.76 -18.59
C TYR B 72 -5.32 -4.11 -19.74
N THR B 73 -5.95 -4.86 -20.62
CA THR B 73 -6.73 -4.32 -21.81
C THR B 73 -8.14 -4.76 -21.50
N LEU B 74 -9.09 -4.01 -21.98
CA LEU B 74 -10.50 -4.39 -21.73
C LEU B 74 -10.66 -5.52 -22.74
N ALA B 75 -11.38 -6.52 -22.34
CA ALA B 75 -11.61 -7.69 -23.21
C ALA B 75 -12.85 -7.51 -24.04
N ASP B 76 -12.94 -8.41 -24.96
CA ASP B 76 -14.06 -8.47 -25.92
C ASP B 76 -15.44 -8.27 -25.36
N ASN B 77 -15.81 -9.05 -24.37
CA ASN B 77 -17.18 -8.87 -23.84
C ASN B 77 -17.38 -7.50 -23.26
N GLY B 78 -16.35 -6.78 -22.99
CA GLY B 78 -16.53 -5.40 -22.43
C GLY B 78 -16.64 -5.34 -20.92
N LYS B 79 -16.21 -6.39 -20.28
CA LYS B 79 -16.27 -6.43 -18.80
C LYS B 79 -14.94 -6.90 -18.19
N ALA B 80 -14.35 -7.88 -18.79
CA ALA B 80 -13.07 -8.38 -18.22
C ALA B 80 -11.89 -7.63 -18.67
N CYS B 81 -10.80 -7.80 -17.96
CA CYS B 81 -9.52 -7.12 -18.26
C CYS B 81 -8.53 -8.24 -18.48
N ILE B 82 -7.71 -8.09 -19.47
CA ILE B 82 -6.69 -9.10 -19.83
C ILE B 82 -5.30 -8.53 -19.45
N PRO B 83 -4.46 -9.26 -18.77
CA PRO B 83 -3.06 -8.86 -18.56
C PRO B 83 -2.47 -8.54 -19.95
N THR B 84 -1.36 -7.89 -19.90
CA THR B 84 -0.60 -7.47 -21.11
C THR B 84 0.75 -8.17 -21.02
N GLY B 85 1.24 -8.33 -19.82
CA GLY B 85 2.57 -8.99 -19.66
C GLY B 85 2.52 -9.94 -18.50
N PRO B 86 3.62 -10.56 -18.25
CA PRO B 86 3.65 -11.64 -17.25
C PRO B 86 3.23 -11.23 -15.86
N TYR B 87 3.66 -10.07 -15.45
CA TYR B 87 3.33 -9.57 -14.10
C TYR B 87 2.42 -8.34 -14.06
N PRO B 88 1.11 -8.51 -13.97
CA PRO B 88 0.11 -7.41 -13.94
C PRO B 88 0.27 -6.69 -12.61
N CYS B 89 -0.73 -5.95 -12.24
CA CYS B 89 -0.66 -5.21 -10.97
C CYS B 89 -1.77 -5.77 -10.10
N GLY B 90 -1.44 -5.98 -8.86
CA GLY B 90 -2.47 -6.51 -7.93
C GLY B 90 -2.81 -7.98 -8.09
N LYS B 91 -1.89 -8.75 -8.59
CA LYS B 91 -2.15 -10.20 -8.78
C LYS B 91 -1.02 -10.88 -8.00
N GLN B 92 -1.31 -11.84 -7.17
CA GLN B 92 -0.21 -12.50 -6.39
C GLN B 92 0.70 -13.09 -7.44
N THR B 93 1.98 -13.18 -7.24
CA THR B 93 2.75 -13.78 -8.34
C THR B 93 2.62 -15.27 -8.06
N LEU B 94 1.55 -15.84 -8.53
CA LEU B 94 1.34 -17.30 -8.32
C LEU B 94 1.95 -17.95 -9.55
N GLU B 95 2.84 -18.86 -9.27
CA GLU B 95 3.61 -19.67 -10.28
C GLU B 95 4.69 -18.72 -10.81
N ARG B 96 5.83 -19.31 -11.12
CA ARG B 96 7.08 -18.64 -11.66
C ARG B 96 7.42 -17.36 -10.90
#